data_3W0I
#
_entry.id   3W0I
#
_cell.length_a   154.143
_cell.length_b   42.733
_cell.length_c   42.390
_cell.angle_alpha   90.00
_cell.angle_beta   94.70
_cell.angle_gamma   90.00
#
_symmetry.space_group_name_H-M   'C 1 2 1'
#
loop_
_entity.id
_entity.type
_entity.pdbx_description
1 polymer 'Vitamin D3 Receptor'
2 polymer 'Mediator of RNA polymerase II transcription subunit 1'
3 non-polymer (2S)-3-{4-[3-(4-{[(2R)-2-hydroxy-3,3-dimethylbutyl]oxy}phenyl)pentan-3-yl]phenoxy}propane-1,2-diol
4 water water
#
loop_
_entity_poly.entity_id
_entity_poly.type
_entity_poly.pdbx_seq_one_letter_code
_entity_poly.pdbx_strand_id
1 'polypeptide(L)'
;RPKLSEEQQHIIAILLDAHHKTYDPTYADFRDFRPPVRMDGSTGSVTLDLSPLSMLPHLADLVSYSIQKVIGFAKMIPGF
RDLTSDDQIVLLKSSAIEVIMLRSNQSFTMDDMSWDCGSQDYKYDVTDVSKAGHTLELIEPLIKFQVGLKKLNLHEEEHV
LLMAICIVSPDRPGVQDAKLVEAIQDRLSNTLQTYIRCRHPPPGSHQLYAKMIQKLADLRSLNEEHSKQYRSLSFQPENS
MKLTPLVLEVFGN
;
A
2 'polypeptide(L)' KNHPMLMNLLKDN C
#
loop_
_chem_comp.id
_chem_comp.type
_chem_comp.name
_chem_comp.formula
O11 non-polymer (2S)-3-{4-[3-(4-{[(2R)-2-hydroxy-3,3-dimethylbutyl]oxy}phenyl)pentan-3-yl]phenoxy}propane-1,2-diol 'C26 H38 O5'
#
# COMPACT_ATOMS: atom_id res chain seq x y z
N ARG A 1 24.54 9.54 21.42
CA ARG A 1 24.10 10.49 20.36
C ARG A 1 24.10 9.80 18.99
N PRO A 2 22.90 9.37 18.51
CA PRO A 2 22.80 8.71 17.20
C PRO A 2 22.62 9.68 16.02
N LYS A 3 23.42 9.51 14.99
CA LYS A 3 23.36 10.34 13.78
C LYS A 3 22.85 9.53 12.58
N LEU A 4 22.34 10.23 11.57
CA LEU A 4 22.01 9.58 10.31
C LEU A 4 23.30 9.40 9.49
N SER A 5 23.71 8.13 9.36
CA SER A 5 24.90 7.78 8.61
C SER A 5 24.76 8.02 7.08
N GLU A 6 25.84 7.74 6.35
CA GLU A 6 25.84 7.82 4.88
C GLU A 6 24.85 6.82 4.31
N GLU A 7 24.89 5.59 4.84
CA GLU A 7 24.05 4.50 4.38
C GLU A 7 22.54 4.83 4.53
N GLN A 8 22.19 5.51 5.62
CA GLN A 8 20.80 5.83 5.95
C GLN A 8 20.30 6.98 5.10
N GLN A 9 21.16 7.96 4.80
CA GLN A 9 20.79 9.01 3.86
C GLN A 9 20.65 8.45 2.46
N HIS A 10 21.40 7.39 2.19
CA HIS A 10 21.35 6.71 0.90
C HIS A 10 20.02 6.00 0.75
N ILE A 11 19.67 5.21 1.76
CA ILE A 11 18.40 4.49 1.86
C ILE A 11 17.19 5.40 1.63
N ILE A 12 17.19 6.53 2.32
CA ILE A 12 16.13 7.53 2.18
C ILE A 12 16.09 8.17 0.80
N ALA A 13 17.26 8.53 0.28
CA ALA A 13 17.34 9.00 -1.10
C ALA A 13 16.82 7.96 -2.11
N ILE A 14 17.16 6.68 -1.90
CA ILE A 14 16.66 5.61 -2.79
C ILE A 14 15.14 5.51 -2.71
N LEU A 15 14.59 5.46 -1.51
CA LEU A 15 13.15 5.23 -1.36
C LEU A 15 12.33 6.44 -1.87
N LEU A 16 12.91 7.63 -1.74
CA LEU A 16 12.27 8.82 -2.27
C LEU A 16 12.06 8.75 -3.76
N ASP A 17 13.16 8.45 -4.45
CA ASP A 17 13.16 8.44 -5.91
C ASP A 17 12.37 7.25 -6.41
N ALA A 18 12.50 6.14 -5.71
CA ALA A 18 11.61 4.97 -5.91
C ALA A 18 10.12 5.38 -5.85
N HIS A 19 9.76 6.13 -4.81
CA HIS A 19 8.42 6.61 -4.72
C HIS A 19 8.10 7.54 -5.88
N HIS A 20 9.01 8.48 -6.17
CA HIS A 20 8.78 9.44 -7.30
C HIS A 20 8.58 8.77 -8.61
N LYS A 21 9.31 7.69 -8.82
CA LYS A 21 9.15 6.91 -10.04
C LYS A 21 7.88 6.09 -10.07
N THR A 22 7.22 5.88 -8.94
CA THR A 22 6.04 4.98 -8.96
C THR A 22 4.73 5.60 -8.51
N TYR A 23 4.78 6.87 -8.17
CA TYR A 23 3.57 7.59 -7.84
C TYR A 23 3.50 8.87 -8.72
N ASP A 24 2.48 8.97 -9.55
CA ASP A 24 2.31 10.10 -10.45
C ASP A 24 1.30 11.08 -9.84
N PRO A 25 1.76 12.22 -9.27
CA PRO A 25 0.77 13.13 -8.61
C PRO A 25 -0.19 13.89 -9.56
N THR A 26 -0.12 13.66 -10.87
CA THR A 26 -1.08 14.20 -11.84
C THR A 26 -2.16 13.17 -12.19
N TYR A 27 -1.98 11.93 -11.74
CA TYR A 27 -2.98 10.88 -11.94
C TYR A 27 -3.37 10.69 -13.41
N ALA A 28 -2.39 10.85 -14.29
CA ALA A 28 -2.62 10.87 -15.74
C ALA A 28 -3.14 9.57 -16.38
N ASP A 29 -2.79 8.40 -15.81
CA ASP A 29 -3.16 7.08 -16.40
C ASP A 29 -4.60 6.70 -16.15
N PHE A 30 -5.23 7.40 -15.22
CA PHE A 30 -6.61 7.09 -14.82
C PHE A 30 -7.57 7.02 -16.01
N ARG A 31 -7.28 7.76 -17.07
CA ARG A 31 -8.12 7.79 -18.27
C ARG A 31 -8.16 6.44 -19.00
N ASP A 32 -7.27 5.53 -18.62
CA ASP A 32 -7.28 4.22 -19.27
C ASP A 32 -8.10 3.15 -18.56
N PHE A 33 -8.46 3.38 -17.30
CA PHE A 33 -9.27 2.41 -16.54
C PHE A 33 -10.68 2.45 -17.12
N ARG A 34 -11.36 1.30 -17.14
CA ARG A 34 -12.77 1.27 -17.46
C ARG A 34 -13.46 2.42 -16.71
N PRO A 35 -14.47 3.06 -17.32
CA PRO A 35 -14.92 4.33 -16.72
C PRO A 35 -15.72 4.16 -15.41
N PRO A 36 -15.68 5.19 -14.52
CA PRO A 36 -16.50 5.21 -13.31
C PRO A 36 -17.99 5.35 -13.65
N VAL A 37 -18.86 4.70 -12.86
CA VAL A 37 -20.33 4.82 -13.04
C VAL A 37 -21.03 5.14 -11.70
N ARG A 38 -21.58 6.36 -11.59
CA ARG A 38 -22.41 6.80 -10.43
C ARG A 38 -23.82 7.18 -10.90
N MET A 39 -24.81 6.35 -10.59
CA MET A 39 -26.18 6.49 -11.15
C MET A 39 -26.91 7.78 -10.73
N SER A 51 -27.70 0.35 -9.50
CA SER A 51 -26.26 0.17 -9.53
C SER A 51 -25.82 -1.03 -8.65
N PRO A 52 -26.08 -2.27 -9.12
CA PRO A 52 -25.50 -3.35 -8.33
C PRO A 52 -24.02 -3.51 -8.72
N LEU A 53 -23.14 -2.84 -7.95
CA LEU A 53 -21.65 -2.86 -8.10
C LEU A 53 -21.12 -2.12 -9.33
N SER A 54 -21.53 -0.86 -9.45
CA SER A 54 -21.27 -0.06 -10.63
C SER A 54 -19.85 0.51 -10.65
N MET A 55 -19.20 0.46 -9.49
CA MET A 55 -17.81 0.93 -9.37
C MET A 55 -16.82 -0.22 -9.44
N LEU A 56 -17.30 -1.45 -9.49
CA LEU A 56 -16.40 -2.60 -9.57
C LEU A 56 -15.35 -2.52 -10.69
N PRO A 57 -15.75 -2.26 -11.96
CA PRO A 57 -14.74 -2.30 -13.02
C PRO A 57 -13.74 -1.15 -12.94
N HIS A 58 -14.18 0.03 -12.51
CA HIS A 58 -13.24 1.13 -12.42
C HIS A 58 -12.27 0.97 -11.27
N LEU A 59 -12.75 0.52 -10.11
CA LEU A 59 -11.86 0.43 -8.96
C LEU A 59 -10.99 -0.83 -9.03
N ALA A 60 -11.48 -1.86 -9.73
CA ALA A 60 -10.70 -3.06 -9.99
C ALA A 60 -9.46 -2.68 -10.79
N ASP A 61 -9.68 -1.87 -11.84
CA ASP A 61 -8.63 -1.31 -12.67
C ASP A 61 -7.66 -0.41 -11.87
N LEU A 62 -8.21 0.54 -11.10
CA LEU A 62 -7.40 1.35 -10.20
C LEU A 62 -6.53 0.53 -9.21
N VAL A 63 -7.09 -0.44 -8.52
CA VAL A 63 -6.32 -1.34 -7.64
C VAL A 63 -5.21 -2.09 -8.43
N SER A 64 -5.58 -2.60 -9.61
CA SER A 64 -4.68 -3.37 -10.50
C SER A 64 -3.41 -2.56 -10.82
N TYR A 65 -3.62 -1.35 -11.30
CA TYR A 65 -2.61 -0.36 -11.56
C TYR A 65 -1.71 -0.12 -10.35
N SER A 66 -2.38 0.03 -9.20
CA SER A 66 -1.77 0.29 -7.91
C SER A 66 -0.86 -0.86 -7.52
N ILE A 67 -1.37 -2.08 -7.64
CA ILE A 67 -0.54 -3.28 -7.49
C ILE A 67 0.74 -3.18 -8.34
N GLN A 68 0.64 -2.81 -9.60
CA GLN A 68 1.84 -2.71 -10.46
C GLN A 68 2.85 -1.72 -9.92
N LYS A 69 2.38 -0.64 -9.31
CA LYS A 69 3.24 0.42 -8.86
C LYS A 69 3.86 0.07 -7.51
N VAL A 70 3.06 -0.57 -6.67
CA VAL A 70 3.58 -1.15 -5.43
C VAL A 70 4.69 -2.16 -5.77
N ILE A 71 4.47 -3.08 -6.72
CA ILE A 71 5.59 -4.01 -7.14
C ILE A 71 6.83 -3.24 -7.61
N GLY A 72 6.61 -2.20 -8.44
CA GLY A 72 7.74 -1.36 -8.89
C GLY A 72 8.50 -0.69 -7.75
N PHE A 73 7.79 -0.32 -6.68
CA PHE A 73 8.45 0.33 -5.54
C PHE A 73 9.16 -0.71 -4.72
N ALA A 74 8.48 -1.82 -4.48
CA ALA A 74 9.09 -2.91 -3.75
C ALA A 74 10.45 -3.36 -4.36
N LYS A 75 10.52 -3.60 -5.67
CA LYS A 75 11.78 -3.96 -6.33
C LYS A 75 12.95 -3.07 -5.98
N MET A 76 12.65 -1.81 -5.69
CA MET A 76 13.67 -0.83 -5.44
C MET A 76 14.10 -0.73 -3.96
N ILE A 77 13.49 -1.51 -3.08
CA ILE A 77 13.84 -1.45 -1.66
C ILE A 77 15.21 -2.08 -1.42
N PRO A 78 16.20 -1.30 -0.89
CA PRO A 78 17.54 -1.84 -0.55
C PRO A 78 17.51 -3.18 0.20
N GLY A 79 17.93 -4.23 -0.48
CA GLY A 79 17.95 -5.57 0.11
C GLY A 79 16.86 -6.50 -0.33
N PHE A 80 15.76 -5.97 -0.87
CA PHE A 80 14.61 -6.79 -1.29
C PHE A 80 15.03 -7.70 -2.43
N ARG A 81 15.93 -7.18 -3.27
CA ARG A 81 16.43 -7.91 -4.45
C ARG A 81 17.23 -9.15 -4.04
N ASP A 82 17.85 -9.09 -2.85
CA ASP A 82 18.54 -10.23 -2.22
C ASP A 82 17.63 -11.39 -1.84
N LEU A 83 16.32 -11.15 -1.76
CA LEU A 83 15.39 -12.20 -1.32
C LEU A 83 15.21 -13.19 -2.44
N THR A 84 14.78 -14.41 -2.11
CA THR A 84 14.37 -15.37 -3.15
C THR A 84 13.10 -14.86 -3.82
N SER A 85 12.86 -15.32 -5.04
CA SER A 85 11.72 -14.88 -5.78
C SER A 85 10.42 -15.34 -5.14
N ASP A 86 10.50 -16.43 -4.36
CA ASP A 86 9.33 -16.99 -3.64
C ASP A 86 8.90 -16.18 -2.41
N ASP A 87 9.88 -15.56 -1.76
CA ASP A 87 9.65 -14.68 -0.63
C ASP A 87 9.25 -13.24 -1.12
N GLN A 88 9.85 -12.79 -2.23
CA GLN A 88 9.41 -11.59 -2.94
C GLN A 88 7.92 -11.70 -3.18
N ILE A 89 7.50 -12.85 -3.67
CA ILE A 89 6.09 -13.09 -3.98
C ILE A 89 5.16 -13.10 -2.77
N VAL A 90 5.55 -13.85 -1.76
CA VAL A 90 4.86 -13.92 -0.48
C VAL A 90 4.71 -12.51 0.16
N LEU A 91 5.80 -11.74 0.19
CA LEU A 91 5.77 -10.39 0.79
C LEU A 91 4.81 -9.48 0.05
N LEU A 92 4.80 -9.57 -1.28
CA LEU A 92 3.92 -8.74 -2.09
C LEU A 92 2.47 -9.13 -2.04
N LYS A 93 2.20 -10.45 -2.05
CA LYS A 93 0.80 -10.91 -2.01
C LYS A 93 0.14 -10.51 -0.70
N SER A 94 0.88 -10.63 0.38
CA SER A 94 0.29 -10.36 1.69
C SER A 94 0.24 -8.86 2.02
N SER A 95 1.17 -8.08 1.50
CA SER A 95 1.19 -6.62 1.80
C SER A 95 0.41 -5.71 0.84
N ALA A 96 0.12 -6.17 -0.36
CA ALA A 96 -0.32 -5.28 -1.43
C ALA A 96 -1.44 -4.35 -1.02
N ILE A 97 -2.50 -4.91 -0.42
CA ILE A 97 -3.69 -4.14 -0.06
C ILE A 97 -3.32 -3.11 1.02
N GLU A 98 -2.44 -3.53 1.92
CA GLU A 98 -1.92 -2.67 2.98
C GLU A 98 -1.13 -1.45 2.44
N VAL A 99 -0.19 -1.72 1.53
CA VAL A 99 0.59 -0.66 0.92
C VAL A 99 -0.27 0.26 0.04
N ILE A 100 -1.29 -0.30 -0.61
CA ILE A 100 -2.20 0.50 -1.37
C ILE A 100 -3.00 1.44 -0.42
N MET A 101 -3.37 0.93 0.76
CA MET A 101 -4.12 1.77 1.70
C MET A 101 -3.26 2.94 2.18
N LEU A 102 -2.01 2.64 2.50
CA LEU A 102 -1.00 3.64 2.91
C LEU A 102 -0.69 4.67 1.82
N ARG A 103 -0.41 4.21 0.60
CA ARG A 103 -0.07 5.15 -0.49
C ARG A 103 -1.27 6.02 -0.91
N SER A 104 -2.49 5.48 -0.76
CA SER A 104 -3.71 6.21 -1.06
C SER A 104 -3.83 7.40 -0.12
N ASN A 105 -3.21 7.31 1.05
CA ASN A 105 -3.26 8.40 2.00
C ASN A 105 -2.80 9.72 1.38
N GLN A 106 -1.99 9.63 0.34
CA GLN A 106 -1.38 10.83 -0.21
C GLN A 106 -2.45 11.69 -0.88
N SER A 107 -3.46 11.04 -1.44
CA SER A 107 -4.57 11.70 -2.12
C SER A 107 -5.85 11.85 -1.28
N PHE A 108 -5.84 11.27 -0.08
CA PHE A 108 -6.98 11.33 0.80
C PHE A 108 -7.09 12.74 1.40
N THR A 109 -8.30 13.27 1.38
CA THR A 109 -8.54 14.59 1.97
C THR A 109 -9.56 14.55 3.10
N MET A 110 -9.12 15.03 4.27
CA MET A 110 -9.98 15.19 5.46
C MET A 110 -11.09 16.21 5.19
N ASP A 111 -10.86 17.13 4.23
CA ASP A 111 -11.87 18.08 3.76
C ASP A 111 -13.26 17.46 3.70
N ASP A 112 -13.37 16.30 3.05
CA ASP A 112 -14.64 15.58 3.02
C ASP A 112 -14.50 14.06 3.12
N MET A 113 -13.41 13.59 3.76
CA MET A 113 -13.13 12.16 3.87
C MET A 113 -13.20 11.45 2.52
N SER A 114 -12.47 11.95 1.54
CA SER A 114 -12.48 11.29 0.25
C SER A 114 -11.06 11.21 -0.33
N TRP A 115 -10.92 10.42 -1.39
CA TRP A 115 -9.65 10.31 -2.12
C TRP A 115 -9.72 11.07 -3.39
N ASP A 116 -9.02 12.19 -3.44
CA ASP A 116 -9.16 13.08 -4.57
C ASP A 116 -7.99 12.96 -5.55
N CYS A 117 -8.16 12.11 -6.57
CA CYS A 117 -7.15 11.92 -7.60
C CYS A 117 -7.29 12.87 -8.83
N GLY A 118 -6.98 14.14 -8.61
CA GLY A 118 -7.02 15.16 -9.66
C GLY A 118 -8.39 15.80 -9.89
N SER A 119 -9.34 15.00 -10.39
CA SER A 119 -10.65 15.50 -10.84
C SER A 119 -11.86 14.82 -10.20
N GLN A 120 -13.02 15.46 -10.32
CA GLN A 120 -14.30 14.98 -9.76
C GLN A 120 -14.66 13.54 -10.12
N ASP A 121 -14.31 13.15 -11.35
CA ASP A 121 -14.53 11.78 -11.81
C ASP A 121 -13.68 10.79 -11.01
N TYR A 122 -12.49 11.24 -10.61
CA TYR A 122 -11.53 10.41 -9.88
C TYR A 122 -11.34 10.94 -8.45
N LYS A 123 -12.38 11.54 -7.91
CA LYS A 123 -12.48 11.84 -6.49
C LYS A 123 -13.35 10.72 -5.96
N TYR A 124 -12.85 9.94 -5.00
CA TYR A 124 -13.59 8.79 -4.53
C TYR A 124 -13.94 8.97 -3.07
N ASP A 125 -15.15 8.55 -2.71
CA ASP A 125 -15.63 8.60 -1.33
C ASP A 125 -16.32 7.30 -0.91
N VAL A 126 -16.97 7.33 0.26
CA VAL A 126 -17.54 6.13 0.90
C VAL A 126 -18.55 5.39 0.04
N THR A 127 -19.31 6.16 -0.75
CA THR A 127 -20.32 5.55 -1.59
C THR A 127 -19.71 4.82 -2.81
N ASP A 128 -18.57 5.32 -3.29
CA ASP A 128 -17.87 4.64 -4.38
C ASP A 128 -17.32 3.27 -3.97
N VAL A 129 -16.71 3.20 -2.78
CA VAL A 129 -16.16 1.96 -2.23
C VAL A 129 -17.32 1.01 -1.95
N SER A 130 -18.41 1.54 -1.41
CA SER A 130 -19.71 0.80 -1.32
C SER A 130 -20.11 0.13 -2.64
N LYS A 131 -20.06 0.93 -3.71
CA LYS A 131 -20.41 0.46 -5.05
C LYS A 131 -19.37 -0.48 -5.69
N ALA A 132 -18.20 -0.65 -5.07
CA ALA A 132 -17.30 -1.72 -5.47
C ALA A 132 -17.64 -3.01 -4.72
N GLY A 133 -18.68 -2.96 -3.88
CA GLY A 133 -19.10 -4.12 -3.09
C GLY A 133 -18.53 -4.21 -1.68
N HIS A 134 -18.16 -3.07 -1.09
CA HIS A 134 -17.66 -3.10 0.29
C HIS A 134 -18.66 -2.52 1.26
N THR A 135 -18.69 -3.07 2.47
CA THR A 135 -19.61 -2.62 3.51
C THR A 135 -18.86 -1.85 4.58
N LEU A 136 -19.59 -1.28 5.54
CA LEU A 136 -19.01 -0.41 6.55
C LEU A 136 -18.08 -1.16 7.52
N GLU A 137 -18.27 -2.46 7.68
CA GLU A 137 -17.30 -3.29 8.41
C GLU A 137 -15.84 -2.95 8.07
N LEU A 138 -15.64 -2.50 6.82
CA LEU A 138 -14.32 -2.18 6.30
C LEU A 138 -14.18 -0.69 6.10
N ILE A 139 -15.19 -0.07 5.53
CA ILE A 139 -15.03 1.32 5.18
C ILE A 139 -14.84 2.19 6.42
N GLU A 140 -15.53 1.84 7.51
CA GLU A 140 -15.50 2.70 8.68
C GLU A 140 -14.08 2.71 9.24
N PRO A 141 -13.54 1.52 9.64
CA PRO A 141 -12.14 1.56 10.13
C PRO A 141 -11.11 2.00 9.06
N LEU A 142 -11.43 1.88 7.77
CA LEU A 142 -10.58 2.42 6.69
C LEU A 142 -10.46 3.94 6.71
N ILE A 143 -11.59 4.66 6.83
CA ILE A 143 -11.56 6.15 6.93
C ILE A 143 -10.85 6.58 8.21
N LYS A 144 -11.17 5.88 9.30
CA LYS A 144 -10.52 6.06 10.60
C LYS A 144 -9.01 6.03 10.45
N PHE A 145 -8.51 4.99 9.77
CA PHE A 145 -7.09 4.80 9.50
C PHE A 145 -6.51 6.00 8.73
N GLN A 146 -7.11 6.31 7.57
CA GLN A 146 -6.71 7.45 6.76
C GLN A 146 -6.67 8.71 7.60
N VAL A 147 -7.73 8.94 8.37
CA VAL A 147 -7.78 10.15 9.21
C VAL A 147 -6.60 10.23 10.15
N GLY A 148 -6.31 9.15 10.88
CA GLY A 148 -5.27 9.18 11.89
C GLY A 148 -3.87 9.11 11.30
N LEU A 149 -3.71 8.47 10.12
CA LEU A 149 -2.44 8.52 9.39
C LEU A 149 -2.18 9.92 8.79
N LYS A 150 -3.23 10.54 8.27
CA LYS A 150 -3.12 11.93 7.80
C LYS A 150 -2.68 12.90 8.93
N LYS A 151 -3.24 12.75 10.12
CA LYS A 151 -2.93 13.63 11.26
C LYS A 151 -1.50 13.54 11.73
N LEU A 152 -0.84 12.41 11.46
CA LEU A 152 0.56 12.25 11.82
C LEU A 152 1.44 13.21 11.01
N ASN A 153 0.96 13.61 9.83
CA ASN A 153 1.71 14.51 8.99
C ASN A 153 3.13 14.05 8.69
N LEU A 154 3.25 12.85 8.11
CA LEU A 154 4.59 12.32 7.87
C LEU A 154 5.36 13.21 6.89
N HIS A 155 6.65 13.36 7.14
CA HIS A 155 7.54 13.81 6.07
C HIS A 155 7.54 12.71 5.05
N GLU A 156 7.57 13.09 3.78
CA GLU A 156 7.65 12.12 2.68
C GLU A 156 8.61 10.96 2.96
N GLU A 157 9.72 11.28 3.63
CA GLU A 157 10.74 10.32 4.03
C GLU A 157 10.17 9.23 4.92
N GLU A 158 9.25 9.62 5.81
CA GLU A 158 8.69 8.70 6.79
C GLU A 158 7.64 7.85 6.10
N HIS A 159 6.96 8.46 5.16
CA HIS A 159 5.94 7.79 4.37
C HIS A 159 6.51 6.63 3.52
N VAL A 160 7.57 6.90 2.74
CA VAL A 160 8.23 5.84 1.94
C VAL A 160 8.82 4.71 2.79
N LEU A 161 9.43 5.07 3.91
CA LEU A 161 9.96 4.10 4.88
C LEU A 161 8.86 3.26 5.52
N LEU A 162 7.69 3.85 5.78
CA LEU A 162 6.60 3.09 6.38
C LEU A 162 6.10 2.06 5.37
N MET A 163 5.99 2.49 4.10
CA MET A 163 5.59 1.55 3.03
C MET A 163 6.57 0.41 2.83
N ALA A 164 7.87 0.72 2.86
CA ALA A 164 8.92 -0.28 2.66
C ALA A 164 8.96 -1.26 3.86
N ILE A 165 8.84 -0.73 5.08
CA ILE A 165 8.79 -1.56 6.32
C ILE A 165 7.61 -2.54 6.28
N CYS A 166 6.46 -2.05 5.84
CA CYS A 166 5.27 -2.88 5.63
C CYS A 166 5.50 -4.03 4.62
N ILE A 167 6.22 -3.77 3.53
CA ILE A 167 6.42 -4.80 2.51
C ILE A 167 7.39 -5.89 3.08
N VAL A 168 8.43 -5.46 3.77
CA VAL A 168 9.46 -6.35 4.23
C VAL A 168 9.20 -6.76 5.69
N SER A 169 8.10 -7.45 5.91
CA SER A 169 7.66 -7.94 7.21
C SER A 169 7.98 -9.44 7.39
N PRO A 170 8.73 -9.80 8.45
CA PRO A 170 9.14 -11.23 8.63
C PRO A 170 8.01 -12.22 8.93
N ASP A 171 6.92 -11.75 9.55
CA ASP A 171 5.86 -12.66 10.01
C ASP A 171 4.75 -12.93 9.01
N ARG A 172 4.91 -12.48 7.78
CA ARG A 172 3.89 -12.83 6.78
C ARG A 172 3.92 -14.34 6.62
N PRO A 173 2.73 -14.98 6.61
CA PRO A 173 2.60 -16.41 6.41
C PRO A 173 3.26 -16.85 5.10
N GLY A 174 4.10 -17.88 5.21
CA GLY A 174 4.69 -18.49 4.05
C GLY A 174 6.09 -18.00 3.85
N VAL A 175 6.60 -17.20 4.77
CA VAL A 175 7.98 -16.70 4.55
C VAL A 175 8.99 -17.81 4.86
N GLN A 176 9.97 -17.99 3.99
CA GLN A 176 10.97 -19.05 4.16
C GLN A 176 12.24 -18.53 4.86
N ASP A 177 12.88 -17.52 4.31
CA ASP A 177 14.03 -16.94 4.98
C ASP A 177 13.67 -15.75 5.91
N ALA A 178 12.83 -16.04 6.90
CA ALA A 178 12.37 -15.07 7.92
C ALA A 178 13.47 -14.18 8.48
N LYS A 179 14.64 -14.78 8.73
CA LYS A 179 15.82 -14.09 9.26
C LYS A 179 16.38 -13.06 8.28
N LEU A 180 16.28 -13.36 6.98
CA LEU A 180 16.70 -12.36 6.00
C LEU A 180 15.69 -11.19 5.90
N VAL A 181 14.41 -11.50 5.95
CA VAL A 181 13.36 -10.48 5.88
C VAL A 181 13.56 -9.52 7.05
N GLU A 182 13.84 -10.07 8.23
CA GLU A 182 14.11 -9.31 9.48
C GLU A 182 15.29 -8.36 9.44
N ALA A 183 16.40 -8.77 8.83
CA ALA A 183 17.58 -7.89 8.76
C ALA A 183 17.37 -6.72 7.82
N ILE A 184 16.68 -6.97 6.70
CA ILE A 184 16.31 -5.89 5.80
C ILE A 184 15.36 -4.89 6.50
N GLN A 185 14.25 -5.39 7.05
CA GLN A 185 13.30 -4.56 7.79
C GLN A 185 13.91 -3.78 8.97
N ASP A 186 14.73 -4.46 9.80
CA ASP A 186 15.46 -3.77 10.88
C ASP A 186 16.35 -2.66 10.36
N ARG A 187 17.07 -2.89 9.28
CA ARG A 187 17.86 -1.80 8.71
C ARG A 187 16.97 -0.61 8.32
N LEU A 188 15.69 -0.89 8.05
CA LEU A 188 14.69 0.11 7.67
C LEU A 188 14.04 0.82 8.88
N SER A 189 13.56 0.05 9.86
CA SER A 189 13.15 0.58 11.17
C SER A 189 14.19 1.54 11.74
N ASN A 190 15.38 0.98 12.03
CA ASN A 190 16.54 1.80 12.43
C ASN A 190 16.71 3.12 11.66
N THR A 191 16.60 3.08 10.33
CA THR A 191 16.70 4.33 9.55
C THR A 191 15.56 5.33 9.86
N LEU A 192 14.35 4.79 10.04
CA LEU A 192 13.17 5.57 10.35
C LEU A 192 13.29 6.15 11.77
N GLN A 193 13.61 5.32 12.77
CA GLN A 193 13.77 5.78 14.16
C GLN A 193 14.79 6.91 14.24
N THR A 194 15.98 6.62 13.75
CA THR A 194 17.06 7.61 13.69
C THR A 194 16.58 8.84 12.92
N TYR A 195 15.81 8.66 11.85
CA TYR A 195 15.33 9.82 11.06
C TYR A 195 14.42 10.76 11.86
N ILE A 196 13.47 10.19 12.60
CA ILE A 196 12.50 10.96 13.40
C ILE A 196 13.23 11.83 14.43
N ARG A 197 14.11 11.17 15.19
CA ARG A 197 15.08 11.80 16.08
C ARG A 197 15.83 13.01 15.50
N CYS A 198 16.43 12.83 14.32
CA CYS A 198 17.31 13.87 13.77
C CYS A 198 16.55 14.89 12.96
N ARG A 199 15.43 14.50 12.38
CA ARG A 199 14.82 15.38 11.41
C ARG A 199 13.40 15.77 11.73
N HIS A 200 12.75 15.06 12.67
CA HIS A 200 11.36 15.42 12.97
C HIS A 200 11.35 16.24 14.22
N PRO A 201 11.00 17.52 14.10
CA PRO A 201 11.03 18.33 15.32
C PRO A 201 9.79 18.17 16.21
N PRO A 202 9.95 18.35 17.53
CA PRO A 202 8.79 18.25 18.42
C PRO A 202 7.80 19.41 18.15
N PRO A 203 6.51 19.27 18.54
CA PRO A 203 5.79 18.15 19.17
C PRO A 203 5.39 17.01 18.20
N GLY A 204 5.51 17.21 16.89
CA GLY A 204 5.24 16.15 15.91
C GLY A 204 5.98 14.83 16.12
N SER A 205 7.22 14.91 16.59
CA SER A 205 8.09 13.73 16.72
C SER A 205 7.73 12.78 17.88
N HIS A 206 6.80 13.23 18.72
CA HIS A 206 6.57 12.58 19.99
C HIS A 206 5.79 11.31 19.82
N GLN A 207 6.41 10.19 20.23
CA GLN A 207 5.87 8.85 20.03
C GLN A 207 5.64 8.53 18.56
N LEU A 208 6.23 9.31 17.66
CA LEU A 208 5.89 9.20 16.25
C LEU A 208 6.16 7.76 15.74
N TYR A 209 7.28 7.19 16.17
CA TYR A 209 7.64 5.87 15.69
C TYR A 209 6.61 4.86 16.08
N ALA A 210 6.26 4.85 17.37
CA ALA A 210 5.27 3.94 17.97
C ALA A 210 3.90 4.13 17.33
N LYS A 211 3.57 5.36 16.99
CA LYS A 211 2.31 5.61 16.28
C LYS A 211 2.37 5.12 14.83
N MET A 212 3.55 5.12 14.22
CA MET A 212 3.70 4.59 12.87
C MET A 212 3.56 3.05 12.90
N ILE A 213 4.30 2.43 13.80
CA ILE A 213 4.25 0.99 14.02
C ILE A 213 2.82 0.54 14.35
N GLN A 214 2.07 1.40 15.03
CA GLN A 214 0.67 1.10 15.35
C GLN A 214 -0.22 1.14 14.10
N LYS A 215 0.03 2.07 13.19
CA LYS A 215 -0.67 2.04 11.90
C LYS A 215 -0.41 0.72 11.13
N LEU A 216 0.77 0.13 11.29
CA LEU A 216 1.02 -1.20 10.70
C LEU A 216 0.12 -2.29 11.29
N ALA A 217 -0.11 -2.24 12.60
CA ALA A 217 -1.03 -3.18 13.27
C ALA A 217 -2.44 -2.94 12.82
N ASP A 218 -2.86 -1.67 12.72
CA ASP A 218 -4.18 -1.36 12.17
C ASP A 218 -4.33 -1.92 10.75
N LEU A 219 -3.23 -1.85 9.97
CA LEU A 219 -3.21 -2.46 8.62
C LEU A 219 -3.48 -3.96 8.58
N ARG A 220 -2.98 -4.70 9.58
CA ARG A 220 -3.20 -6.16 9.58
C ARG A 220 -4.67 -6.46 9.68
N SER A 221 -5.37 -5.69 10.51
CA SER A 221 -6.79 -5.84 10.71
C SER A 221 -7.61 -5.45 9.44
N LEU A 222 -7.30 -4.30 8.84
CA LEU A 222 -7.91 -3.88 7.55
C LEU A 222 -7.66 -4.89 6.44
N ASN A 223 -6.43 -5.37 6.36
CA ASN A 223 -6.09 -6.44 5.43
C ASN A 223 -7.09 -7.62 5.57
N GLU A 224 -7.21 -8.18 6.79
CA GLU A 224 -8.11 -9.31 7.10
C GLU A 224 -9.56 -9.10 6.68
N GLU A 225 -10.07 -7.92 7.00
CA GLU A 225 -11.43 -7.57 6.63
C GLU A 225 -11.56 -7.34 5.11
N HIS A 226 -10.56 -6.72 4.50
CA HIS A 226 -10.57 -6.60 3.02
C HIS A 226 -10.61 -7.96 2.40
N SER A 227 -9.73 -8.87 2.84
CA SER A 227 -9.67 -10.25 2.31
C SER A 227 -11.05 -10.97 2.36
N LYS A 228 -11.68 -10.94 3.54
CA LYS A 228 -13.00 -11.52 3.81
C LYS A 228 -14.04 -11.03 2.82
N GLN A 229 -14.19 -9.71 2.69
CA GLN A 229 -15.13 -9.13 1.75
C GLN A 229 -14.73 -9.35 0.27
N TYR A 230 -13.43 -9.41 -0.03
CA TYR A 230 -13.00 -9.78 -1.35
C TYR A 230 -13.38 -11.23 -1.67
N ARG A 231 -13.27 -12.13 -0.68
CA ARG A 231 -13.65 -13.53 -0.87
C ARG A 231 -15.15 -13.65 -1.07
N SER A 232 -15.91 -12.79 -0.39
CA SER A 232 -17.35 -12.73 -0.56
C SER A 232 -17.72 -12.19 -1.95
N LEU A 233 -17.06 -11.11 -2.36
CA LEU A 233 -17.25 -10.49 -3.67
C LEU A 233 -16.97 -11.50 -4.79
N SER A 234 -15.82 -12.14 -4.72
CA SER A 234 -15.42 -13.08 -5.75
C SER A 234 -16.04 -14.47 -5.55
N PHE A 235 -17.17 -14.55 -4.83
CA PHE A 235 -17.95 -15.81 -4.70
C PHE A 235 -18.60 -16.03 -6.04
N GLN A 236 -19.39 -15.03 -6.44
CA GLN A 236 -20.05 -14.97 -7.74
C GLN A 236 -19.03 -14.80 -8.88
N PRO A 237 -18.91 -15.83 -9.76
CA PRO A 237 -18.03 -15.76 -10.92
C PRO A 237 -18.35 -14.56 -11.81
N GLU A 238 -19.52 -13.97 -11.59
CA GLU A 238 -19.96 -12.76 -12.30
C GLU A 238 -19.26 -11.48 -11.88
N ASN A 239 -18.95 -11.36 -10.59
CA ASN A 239 -18.11 -10.25 -10.08
C ASN A 239 -16.65 -10.44 -10.45
N SER A 240 -16.17 -11.65 -10.21
CA SER A 240 -14.85 -12.15 -10.57
C SER A 240 -14.51 -11.93 -12.05
N MET A 241 -15.53 -11.88 -12.91
CA MET A 241 -15.33 -11.64 -14.32
C MET A 241 -14.85 -10.24 -14.56
N LYS A 242 -15.25 -9.32 -13.69
CA LYS A 242 -15.04 -7.87 -13.89
C LYS A 242 -13.75 -7.35 -13.25
N LEU A 243 -13.01 -8.24 -12.60
CA LEU A 243 -11.70 -7.90 -12.02
C LEU A 243 -10.65 -7.91 -13.13
N THR A 244 -9.37 -7.94 -12.76
CA THR A 244 -8.31 -8.07 -13.74
C THR A 244 -7.51 -9.36 -13.49
N PRO A 245 -6.75 -9.80 -14.50
CA PRO A 245 -5.93 -11.00 -14.26
C PRO A 245 -4.93 -10.77 -13.11
N LEU A 246 -4.34 -9.57 -13.02
CA LEU A 246 -3.35 -9.27 -11.97
C LEU A 246 -4.00 -9.25 -10.58
N VAL A 247 -5.15 -8.59 -10.47
CA VAL A 247 -5.93 -8.63 -9.24
C VAL A 247 -6.23 -10.10 -8.84
N LEU A 248 -6.71 -10.92 -9.77
CA LEU A 248 -7.04 -12.32 -9.46
C LEU A 248 -5.83 -13.12 -9.03
N GLU A 249 -4.69 -12.90 -9.71
CA GLU A 249 -3.47 -13.57 -9.33
C GLU A 249 -3.00 -13.12 -7.92
N VAL A 250 -3.07 -11.83 -7.62
CA VAL A 250 -2.48 -11.28 -6.38
C VAL A 250 -3.45 -11.44 -5.19
N PHE A 251 -4.74 -11.18 -5.40
CA PHE A 251 -5.67 -11.29 -4.28
C PHE A 251 -6.23 -12.69 -4.06
N GLY A 252 -6.22 -13.52 -5.10
CA GLY A 252 -6.69 -14.90 -4.99
C GLY A 252 -7.83 -15.21 -5.95
N ASN A 253 -8.16 -16.51 -6.04
CA ASN A 253 -9.15 -17.01 -7.01
C ASN A 253 -10.06 -18.09 -6.42
N LYS B 1 2.53 -21.39 -12.10
CA LYS B 1 3.32 -22.25 -11.18
C LYS B 1 3.58 -21.60 -9.79
N ASN B 2 2.70 -20.72 -9.32
CA ASN B 2 1.45 -20.30 -9.99
C ASN B 2 1.20 -18.77 -10.06
N HIS B 3 2.26 -17.96 -9.93
CA HIS B 3 2.17 -16.50 -10.06
C HIS B 3 2.96 -15.91 -11.22
N PRO B 4 2.58 -16.24 -12.46
CA PRO B 4 3.30 -15.74 -13.64
C PRO B 4 3.41 -14.20 -13.74
N MET B 5 2.27 -13.47 -13.67
CA MET B 5 2.27 -12.02 -13.88
C MET B 5 3.04 -11.25 -12.83
N LEU B 6 2.81 -11.56 -11.56
CA LEU B 6 3.60 -11.03 -10.46
C LEU B 6 5.11 -11.34 -10.60
N MET B 7 5.44 -12.60 -10.90
CA MET B 7 6.82 -13.04 -11.17
C MET B 7 7.51 -12.23 -12.27
N ASN B 8 6.81 -12.03 -13.38
CA ASN B 8 7.32 -11.21 -14.49
C ASN B 8 7.55 -9.74 -14.16
N LEU B 9 6.66 -9.16 -13.34
CA LEU B 9 6.82 -7.77 -12.93
C LEU B 9 7.94 -7.60 -11.92
N LEU B 10 8.30 -8.68 -11.23
CA LEU B 10 9.41 -8.69 -10.26
C LEU B 10 10.78 -8.85 -10.89
N LYS B 11 10.84 -9.51 -12.04
CA LYS B 11 12.09 -9.86 -12.73
C LYS B 11 13.01 -8.65 -12.96
N ASP B 12 14.33 -8.87 -12.92
CA ASP B 12 15.31 -7.82 -13.22
C ASP B 12 15.22 -7.33 -14.67
C14 O11 C . -10.02 1.34 -3.62
C13 O11 C . -9.92 1.82 -2.35
C1 O11 C . -2.79 6.21 -7.47
C6 O11 C . -7.89 4.82 -3.28
C5 O11 C . -6.87 5.18 -4.13
C4 O11 C . -6.11 4.21 -4.73
C3 O11 C . -4.44 5.76 -5.60
C2 O11 C . -2.99 5.61 -6.08
C7 O11 C . -8.17 3.50 -3.03
O01 O11 C . -1.44 6.57 -7.72
O02 O11 C . -2.64 4.23 -6.16
O03 O11 C . -5.11 4.51 -5.59
C9 O11 C . -6.39 2.89 -4.47
C8 O11 C . -7.39 2.55 -3.62
C10 O11 C . -9.26 3.13 -2.08
C11 O11 C . -10.35 4.16 -2.12
C25 O11 C . -11.13 4.11 -3.39
C12 O11 C . -8.69 3.19 -0.68
C26 O11 C . -7.49 2.32 -0.43
C15 O11 C . -10.62 0.15 -3.89
C18 O11 C . -10.45 1.07 -1.35
C17 O11 C . -11.07 -0.12 -1.61
C16 O11 C . -11.16 -0.59 -2.88
O04 O11 C . -11.76 -1.76 -3.12
C19 O11 C . -11.81 -2.37 -4.36
C20 O11 C . -12.06 -3.84 -4.19
O05 O11 C . -11.18 -4.35 -3.25
C21 O11 C . -11.80 -4.62 -5.45
C22 O11 C . -10.38 -5.10 -5.45
C23 O11 C . -12.07 -3.68 -6.58
C24 O11 C . -12.67 -5.84 -5.51
#